data_4UQX
#
_entry.id   4UQX
#
_cell.length_a   56.760
_cell.length_b   45.870
_cell.length_c   59.470
_cell.angle_alpha   90.00
_cell.angle_beta   109.98
_cell.angle_gamma   90.00
#
_symmetry.space_group_name_H-M   'P 1 21 1'
#
loop_
_entity.id
_entity.type
_entity.pdbx_description
1 polymer HSIE1
2 non-polymer (4S)-2-METHYL-2,4-PENTANEDIOL
3 non-polymer 'ACETATE ION'
4 water water
#
_entity_poly.entity_id   1
_entity_poly.type   'polypeptide(L)'
_entity_poly.pdbx_seq_one_letter_code
;ADPMIAEELLRAGRLDDALKALQEQVRSQPSNATLRIFLFQLLAVMGQWARAQNQLKVVGELDASALPMVQTYSTAIDCE
ALRREVFAGRLTPVILGQPAEWIAPLLQALSLDAEGHGEAAQALREQAFDAAPAVPGRIGEAPFAWLADADTRLGPVLEV
IVNGRYAWLPMSNLRSLKVEAPSDLRDLVWLPAELTLANGGATVALLPARYAETVEHGDDAARLGRKTEWLDSGLPVGQR
LFVTDAGETALFDLRELDFEPTDA
;
_entity_poly.pdbx_strand_id   A
#
# COMPACT_ATOMS: atom_id res chain seq x y z
N ALA A 1 25.50 19.56 -12.17
CA ALA A 1 26.26 19.24 -13.38
C ALA A 1 26.26 17.74 -13.64
N ASP A 2 26.19 16.97 -12.55
CA ASP A 2 26.13 15.52 -12.63
C ASP A 2 24.67 15.16 -12.93
N PRO A 3 24.40 14.59 -14.11
CA PRO A 3 23.01 14.31 -14.45
C PRO A 3 22.36 13.30 -13.51
N MET A 4 23.17 12.57 -12.75
CA MET A 4 22.63 11.53 -11.88
C MET A 4 22.51 11.98 -10.42
N ILE A 5 22.71 13.27 -10.15
CA ILE A 5 22.76 13.76 -8.77
C ILE A 5 21.51 13.41 -7.93
N ALA A 6 20.32 13.58 -8.47
CA ALA A 6 19.13 13.29 -7.69
C ALA A 6 19.02 11.80 -7.39
N GLU A 7 19.38 10.97 -8.37
N GLU A 7 19.39 10.96 -8.37
CA GLU A 7 19.37 9.51 -8.18
CA GLU A 7 19.37 9.52 -8.19
C GLU A 7 20.38 9.09 -7.12
C GLU A 7 20.39 9.06 -7.15
N GLU A 8 21.54 9.74 -7.10
CA GLU A 8 22.57 9.43 -6.11
C GLU A 8 22.07 9.74 -4.71
N LEU A 9 21.42 10.88 -4.57
CA LEU A 9 20.87 11.26 -3.28
C LEU A 9 19.73 10.33 -2.86
N LEU A 10 18.89 9.98 -3.82
CA LEU A 10 17.81 9.03 -3.57
C LEU A 10 18.29 7.68 -3.07
N ARG A 11 19.29 7.10 -3.75
CA ARG A 11 19.73 5.78 -3.34
C ARG A 11 20.36 5.82 -1.95
N ALA A 12 20.91 6.98 -1.57
CA ALA A 12 21.45 7.19 -0.22
C ALA A 12 20.36 7.44 0.81
N GLY A 13 19.11 7.56 0.38
CA GLY A 13 17.99 7.77 1.28
C GLY A 13 17.77 9.20 1.72
N ARG A 14 18.37 10.15 0.99
CA ARG A 14 18.29 11.56 1.35
C ARG A 14 17.18 12.21 0.53
N LEU A 15 15.95 12.09 1.00
CA LEU A 15 14.81 12.48 0.19
C LEU A 15 14.68 13.98 -0.05
N ASP A 16 14.81 14.79 1.01
CA ASP A 16 14.72 16.23 0.84
C ASP A 16 15.76 16.72 -0.15
N ASP A 17 17.00 16.24 0.00
CA ASP A 17 18.06 16.67 -0.89
C ASP A 17 17.82 16.21 -2.32
N ALA A 18 17.36 14.96 -2.49
CA ALA A 18 17.06 14.44 -3.82
C ALA A 18 16.00 15.29 -4.50
N LEU A 19 14.99 15.68 -3.75
CA LEU A 19 13.90 16.49 -4.30
C LEU A 19 14.42 17.85 -4.73
N LYS A 20 15.26 18.49 -3.91
CA LYS A 20 15.79 19.79 -4.28
C LYS A 20 16.59 19.69 -5.55
N ALA A 21 17.42 18.66 -5.65
CA ALA A 21 18.27 18.50 -6.84
C ALA A 21 17.42 18.24 -8.09
N LEU A 22 16.41 17.40 -7.95
CA LEU A 22 15.55 17.06 -9.08
C LEU A 22 14.73 18.26 -9.52
N GLN A 23 14.25 19.06 -8.57
CA GLN A 23 13.52 20.28 -8.94
C GLN A 23 14.39 21.23 -9.75
N GLU A 24 15.66 21.34 -9.39
CA GLU A 24 16.58 22.18 -10.15
C GLU A 24 16.76 21.64 -11.57
N GLN A 25 16.84 20.32 -11.71
CA GLN A 25 16.96 19.71 -13.03
C GLN A 25 15.74 19.97 -13.88
N VAL A 26 14.55 19.82 -13.27
CA VAL A 26 13.31 20.11 -13.99
C VAL A 26 13.24 21.57 -14.40
N ARG A 27 13.63 22.50 -13.53
CA ARG A 27 13.62 23.91 -13.91
C ARG A 27 14.51 24.18 -15.13
N SER A 28 15.61 23.44 -15.23
N SER A 28 15.63 23.47 -15.20
CA SER A 28 16.58 23.62 -16.31
CA SER A 28 16.55 23.64 -16.31
C SER A 28 16.19 22.87 -17.58
C SER A 28 16.01 23.03 -17.59
N GLN A 29 15.32 21.89 -17.46
CA GLN A 29 14.77 21.17 -18.60
C GLN A 29 13.28 20.90 -18.40
N PRO A 30 12.47 21.96 -18.47
CA PRO A 30 11.05 21.83 -18.10
C PRO A 30 10.18 21.00 -19.04
N SER A 31 10.67 20.66 -20.22
N SER A 31 10.69 20.67 -20.22
CA SER A 31 9.90 19.86 -21.18
CA SER A 31 9.95 19.87 -21.20
C SER A 31 10.34 18.39 -21.20
C SER A 31 10.51 18.45 -21.32
N ASN A 32 11.29 18.05 -20.33
CA ASN A 32 11.82 16.69 -20.27
C ASN A 32 10.87 15.80 -19.49
N ALA A 33 10.17 14.93 -20.20
CA ALA A 33 9.16 14.07 -19.60
C ALA A 33 9.76 13.03 -18.64
N THR A 34 10.99 12.60 -18.90
N THR A 34 10.96 12.55 -18.93
CA THR A 34 11.64 11.61 -18.07
CA THR A 34 11.63 11.61 -18.04
C THR A 34 11.89 12.16 -16.66
C THR A 34 11.81 12.18 -16.64
N LEU A 35 12.19 13.45 -16.57
CA LEU A 35 12.37 14.11 -15.30
C LEU A 35 11.04 14.29 -14.58
N ARG A 36 9.99 14.56 -15.33
CA ARG A 36 8.66 14.71 -14.72
C ARG A 36 8.16 13.38 -14.14
N ILE A 37 8.43 12.28 -14.82
CA ILE A 37 8.03 10.96 -14.33
C ILE A 37 8.79 10.66 -13.02
N PHE A 38 10.09 10.98 -12.97
CA PHE A 38 10.87 10.82 -11.74
C PHE A 38 10.26 11.69 -10.64
N LEU A 39 9.98 12.94 -10.95
CA LEU A 39 9.47 13.87 -9.97
C LEU A 39 8.12 13.45 -9.38
N PHE A 40 7.16 13.03 -10.21
CA PHE A 40 5.87 12.57 -9.66
C PHE A 40 6.09 11.42 -8.67
N GLN A 41 6.97 10.50 -9.03
CA GLN A 41 7.18 9.31 -8.22
C GLN A 41 7.88 9.67 -6.92
N LEU A 42 8.87 10.56 -6.97
CA LEU A 42 9.57 11.00 -5.76
C LEU A 42 8.61 11.75 -4.82
N LEU A 43 7.76 12.61 -5.37
CA LEU A 43 6.78 13.31 -4.57
C LEU A 43 5.82 12.33 -3.91
N ALA A 44 5.43 11.27 -4.62
CA ALA A 44 4.57 10.23 -4.03
C ALA A 44 5.29 9.52 -2.87
N VAL A 45 6.55 9.18 -3.06
CA VAL A 45 7.34 8.57 -1.98
C VAL A 45 7.35 9.51 -0.76
N MET A 46 7.45 10.80 -1.02
CA MET A 46 7.52 11.78 0.07
C MET A 46 6.13 12.15 0.61
N GLY A 47 5.07 11.63 0.03
CA GLY A 47 3.73 11.93 0.49
C GLY A 47 3.23 13.33 0.17
N GLN A 48 3.84 13.99 -0.81
CA GLN A 48 3.41 15.31 -1.25
C GLN A 48 2.36 15.11 -2.33
N TRP A 49 1.17 14.71 -1.90
CA TRP A 49 0.20 14.13 -2.80
C TRP A 49 -0.31 15.12 -3.85
N ALA A 50 -0.67 16.33 -3.44
CA ALA A 50 -1.17 17.32 -4.38
C ALA A 50 -0.12 17.64 -5.43
N ARG A 51 1.12 17.83 -5.00
CA ARG A 51 2.19 18.12 -5.94
C ARG A 51 2.46 16.95 -6.86
N ALA A 52 2.38 15.73 -6.35
CA ALA A 52 2.54 14.54 -7.17
C ALA A 52 1.47 14.48 -8.26
N GLN A 53 0.23 14.78 -7.87
N GLN A 53 0.23 14.81 -7.91
CA GLN A 53 -0.89 14.86 -8.79
CA GLN A 53 -0.85 14.80 -8.88
C GLN A 53 -0.59 15.84 -9.91
C GLN A 53 -0.67 15.89 -9.93
N ASN A 54 -0.13 17.04 -9.54
CA ASN A 54 0.15 18.07 -10.52
C ASN A 54 1.21 17.61 -11.52
N GLN A 55 2.28 16.98 -11.03
CA GLN A 55 3.34 16.54 -11.91
C GLN A 55 2.88 15.39 -12.79
N LEU A 56 1.99 14.53 -12.29
N LEU A 56 2.00 14.54 -12.30
CA LEU A 56 1.38 13.49 -13.12
CA LEU A 56 1.45 13.47 -13.09
C LEU A 56 0.70 14.07 -14.33
C LEU A 56 0.63 14.02 -14.29
N LYS A 57 -0.08 15.13 -14.10
CA LYS A 57 -0.76 15.77 -15.21
C LYS A 57 0.24 16.22 -16.26
N VAL A 58 1.37 16.80 -15.82
CA VAL A 58 2.39 17.22 -16.77
C VAL A 58 2.94 16.05 -17.57
N VAL A 59 3.12 14.90 -16.94
CA VAL A 59 3.59 13.72 -17.63
C VAL A 59 2.67 13.40 -18.79
N GLY A 60 1.36 13.40 -18.55
CA GLY A 60 0.40 13.03 -19.60
C GLY A 60 0.31 14.08 -20.69
N GLU A 61 0.54 15.33 -20.35
CA GLU A 61 0.54 16.42 -21.32
C GLU A 61 1.76 16.38 -22.23
N LEU A 62 2.90 15.97 -21.68
CA LEU A 62 4.12 15.84 -22.48
C LEU A 62 4.21 14.53 -23.22
N ASP A 63 3.65 13.47 -22.66
CA ASP A 63 3.75 12.11 -23.20
C ASP A 63 2.36 11.49 -23.18
N ALA A 64 1.65 11.63 -24.28
CA ALA A 64 0.26 11.20 -24.33
C ALA A 64 0.10 9.70 -24.12
N SER A 65 1.12 8.91 -24.46
CA SER A 65 1.07 7.48 -24.23
C SER A 65 0.98 7.13 -22.75
N ALA A 66 1.35 8.06 -21.87
CA ALA A 66 1.32 7.83 -20.43
C ALA A 66 -0.05 8.06 -19.82
N LEU A 67 -1.06 8.44 -20.59
CA LEU A 67 -2.36 8.78 -20.01
C LEU A 67 -2.99 7.66 -19.17
N PRO A 68 -2.92 6.39 -19.60
CA PRO A 68 -3.48 5.36 -18.71
C PRO A 68 -2.80 5.32 -17.35
N MET A 69 -1.49 5.47 -17.34
N MET A 69 -1.47 5.46 -17.32
CA MET A 69 -0.74 5.49 -16.10
CA MET A 69 -0.71 5.52 -16.06
C MET A 69 -1.13 6.71 -15.26
C MET A 69 -1.16 6.72 -15.24
N VAL A 70 -1.31 7.86 -15.90
CA VAL A 70 -1.73 9.07 -15.25
C VAL A 70 -3.07 8.86 -14.53
N GLN A 71 -4.02 8.27 -15.23
CA GLN A 71 -5.33 8.00 -14.62
C GLN A 71 -5.19 7.06 -13.43
N THR A 72 -4.50 5.95 -13.60
CA THR A 72 -4.38 4.94 -12.55
C THR A 72 -3.70 5.51 -11.30
N TYR A 73 -2.61 6.24 -11.49
CA TYR A 73 -1.86 6.74 -10.34
C TYR A 73 -2.48 7.97 -9.73
N SER A 74 -3.24 8.74 -10.49
N SER A 74 -3.18 8.78 -10.51
CA SER A 74 -3.94 9.86 -9.89
CA SER A 74 -3.88 9.93 -9.93
C SER A 74 -5.04 9.34 -8.96
C SER A 74 -4.91 9.43 -8.94
N THR A 75 -5.73 8.27 -9.36
N THR A 75 -5.68 8.41 -9.35
CA THR A 75 -6.75 7.69 -8.49
CA THR A 75 -6.68 7.80 -8.49
C THR A 75 -6.10 6.98 -7.31
C THR A 75 -6.04 7.10 -7.30
N ALA A 76 -4.92 6.41 -7.50
CA ALA A 76 -4.22 5.79 -6.38
C ALA A 76 -3.86 6.84 -5.33
N ILE A 77 -3.43 8.02 -5.76
CA ILE A 77 -3.14 9.10 -4.83
C ILE A 77 -4.41 9.53 -4.10
N ASP A 78 -5.53 9.67 -4.81
CA ASP A 78 -6.80 10.01 -4.17
C ASP A 78 -7.13 8.99 -3.08
N CYS A 79 -6.87 7.71 -3.35
CA CYS A 79 -7.19 6.68 -2.39
C CYS A 79 -6.34 6.78 -1.13
N GLU A 80 -5.16 7.40 -1.16
CA GLU A 80 -4.39 7.59 0.07
C GLU A 80 -5.14 8.48 1.07
N ALA A 81 -5.90 9.45 0.57
CA ALA A 81 -6.71 10.27 1.46
C ALA A 81 -7.84 9.45 2.10
N LEU A 82 -8.43 8.54 1.33
CA LEU A 82 -9.43 7.65 1.87
C LEU A 82 -8.85 6.71 2.92
N ARG A 83 -7.64 6.20 2.68
CA ARG A 83 -6.97 5.38 3.69
C ARG A 83 -6.88 6.12 5.03
N ARG A 84 -6.48 7.39 4.98
N ARG A 84 -6.48 7.39 4.96
CA ARG A 84 -6.37 8.15 6.21
CA ARG A 84 -6.38 8.25 6.14
C ARG A 84 -7.71 8.27 6.90
C ARG A 84 -7.71 8.27 6.88
N GLU A 85 -8.78 8.50 6.15
CA GLU A 85 -10.12 8.60 6.74
C GLU A 85 -10.55 7.28 7.38
N VAL A 86 -10.22 6.17 6.73
CA VAL A 86 -10.57 4.85 7.25
C VAL A 86 -9.81 4.57 8.56
N PHE A 87 -8.49 4.79 8.55
CA PHE A 87 -7.70 4.49 9.74
C PHE A 87 -7.97 5.46 10.88
N ALA A 88 -8.52 6.64 10.56
CA ALA A 88 -8.97 7.57 11.59
C ALA A 88 -10.36 7.25 12.09
N GLY A 89 -11.01 6.24 11.56
CA GLY A 89 -12.33 5.85 12.02
C GLY A 89 -13.47 6.71 11.51
N ARG A 90 -13.25 7.49 10.46
CA ARG A 90 -14.27 8.41 9.97
C ARG A 90 -15.06 7.88 8.79
N LEU A 91 -14.48 7.04 7.97
CA LEU A 91 -15.16 6.40 6.84
C LEU A 91 -14.91 4.92 6.87
N THR A 92 -15.73 4.17 6.15
CA THR A 92 -15.46 2.74 6.09
C THR A 92 -15.32 2.31 4.63
N PRO A 93 -14.45 1.35 4.40
CA PRO A 93 -14.14 0.91 3.04
C PRO A 93 -15.13 -0.09 2.50
N VAL A 94 -15.26 -0.12 1.19
CA VAL A 94 -15.86 -1.24 0.49
C VAL A 94 -15.15 -2.53 0.90
N ILE A 95 -15.91 -3.62 1.05
CA ILE A 95 -15.35 -4.95 1.25
C ILE A 95 -15.40 -5.67 -0.08
N LEU A 96 -14.25 -6.10 -0.58
CA LEU A 96 -14.17 -6.75 -1.88
C LEU A 96 -14.49 -8.25 -1.78
N GLY A 97 -15.38 -8.69 -2.65
CA GLY A 97 -15.75 -10.10 -2.70
C GLY A 97 -16.89 -10.43 -1.78
N GLN A 98 -16.95 -11.68 -1.34
CA GLN A 98 -18.00 -12.12 -0.44
C GLN A 98 -17.98 -11.31 0.85
N PRO A 99 -19.16 -11.00 1.40
N PRO A 99 -19.16 -10.96 1.37
CA PRO A 99 -19.16 -10.17 2.60
CA PRO A 99 -19.22 -10.23 2.64
C PRO A 99 -18.50 -10.86 3.79
C PRO A 99 -18.40 -10.89 3.75
N ALA A 100 -17.91 -10.07 4.67
CA ALA A 100 -17.16 -10.56 5.81
C ALA A 100 -17.59 -9.73 7.00
N GLU A 101 -18.63 -10.20 7.68
CA GLU A 101 -19.26 -9.43 8.76
C GLU A 101 -18.30 -9.14 9.91
N TRP A 102 -17.35 -10.05 10.12
CA TRP A 102 -16.36 -9.87 11.18
C TRP A 102 -15.47 -8.65 10.98
N ILE A 103 -15.42 -8.08 9.78
CA ILE A 103 -14.68 -6.84 9.57
C ILE A 103 -15.39 -5.64 10.24
N ALA A 104 -16.70 -5.73 10.45
CA ALA A 104 -17.41 -4.60 11.05
C ALA A 104 -16.83 -4.20 12.40
N PRO A 105 -16.63 -5.15 13.33
CA PRO A 105 -16.03 -4.72 14.61
C PRO A 105 -14.58 -4.24 14.45
N LEU A 106 -13.90 -4.81 13.48
N LEU A 106 -13.83 -4.73 13.47
CA LEU A 106 -12.55 -4.40 13.20
CA LEU A 106 -12.48 -4.18 13.23
C LEU A 106 -12.50 -2.90 12.80
C LEU A 106 -12.56 -2.72 12.90
N LEU A 107 -13.48 -2.41 12.02
CA LEU A 107 -13.61 -1.03 11.64
C LEU A 107 -14.09 -0.18 12.81
N GLN A 108 -15.03 -0.67 13.59
N GLN A 108 -15.06 -0.69 13.56
CA GLN A 108 -15.53 0.09 14.72
CA GLN A 108 -15.57 -0.04 14.77
C GLN A 108 -14.44 0.31 15.77
C GLN A 108 -14.43 0.33 15.70
N ALA A 109 -13.49 -0.61 15.85
CA ALA A 109 -12.34 -0.40 16.70
C ALA A 109 -11.55 0.84 16.32
N LEU A 110 -11.48 1.16 15.03
CA LEU A 110 -10.76 2.37 14.60
C LEU A 110 -11.48 3.62 15.13
N SER A 111 -12.81 3.60 15.14
CA SER A 111 -13.57 4.73 15.68
C SER A 111 -13.38 4.84 17.19
N LEU A 112 -13.39 3.72 17.89
CA LEU A 112 -13.13 3.71 19.32
C LEU A 112 -11.75 4.24 19.66
N ASP A 113 -10.74 3.82 18.90
CA ASP A 113 -9.39 4.34 19.11
C ASP A 113 -9.36 5.86 18.96
N ALA A 114 -10.04 6.37 17.94
CA ALA A 114 -10.06 7.82 17.67
C ALA A 114 -10.72 8.59 18.82
N GLU A 115 -11.63 7.93 19.52
CA GLU A 115 -12.38 8.49 20.64
C GLU A 115 -11.64 8.33 21.96
N GLY A 116 -10.49 7.67 21.94
CA GLY A 116 -9.68 7.48 23.14
C GLY A 116 -10.04 6.24 23.94
N HIS A 117 -10.76 5.31 23.33
CA HIS A 117 -11.19 4.09 24.02
C HIS A 117 -10.40 2.86 23.54
N GLY A 118 -9.10 2.89 23.80
CA GLY A 118 -8.20 1.84 23.35
C GLY A 118 -8.52 0.44 23.84
N GLU A 119 -8.95 0.33 25.10
N GLU A 119 -8.96 0.32 25.09
CA GLU A 119 -9.31 -0.94 25.70
CA GLU A 119 -9.29 -0.99 25.66
C GLU A 119 -10.51 -1.55 24.97
C GLU A 119 -10.54 -1.57 25.00
N ALA A 120 -11.54 -0.75 24.76
CA ALA A 120 -12.75 -1.19 24.09
C ALA A 120 -12.41 -1.58 22.64
N ALA A 121 -11.54 -0.81 22.01
CA ALA A 121 -11.12 -1.11 20.65
C ALA A 121 -10.44 -2.47 20.57
N GLN A 122 -9.52 -2.73 21.49
CA GLN A 122 -8.83 -4.01 21.52
C GLN A 122 -9.80 -5.18 21.70
N ALA A 123 -10.81 -5.01 22.56
CA ALA A 123 -11.82 -6.02 22.75
C ALA A 123 -12.59 -6.33 21.45
N LEU A 124 -12.92 -5.28 20.69
CA LEU A 124 -13.62 -5.49 19.43
C LEU A 124 -12.73 -6.20 18.43
N ARG A 125 -11.44 -5.88 18.42
CA ARG A 125 -10.54 -6.58 17.51
C ARG A 125 -10.44 -8.06 17.86
N GLU A 126 -10.43 -8.38 19.14
CA GLU A 126 -10.41 -9.78 19.54
C GLU A 126 -11.66 -10.51 19.02
N GLN A 127 -12.81 -9.85 19.14
CA GLN A 127 -14.08 -10.40 18.65
C GLN A 127 -14.01 -10.61 17.15
N ALA A 128 -13.46 -9.65 16.44
CA ALA A 128 -13.31 -9.76 14.98
C ALA A 128 -12.44 -10.94 14.60
N PHE A 129 -11.27 -11.04 15.20
CA PHE A 129 -10.32 -12.06 14.80
C PHE A 129 -10.82 -13.45 15.19
N ASP A 130 -11.54 -13.54 16.31
CA ASP A 130 -12.14 -14.81 16.70
C ASP A 130 -13.14 -15.32 15.67
N ALA A 131 -13.87 -14.40 15.04
CA ALA A 131 -14.91 -14.74 14.07
C ALA A 131 -14.39 -14.94 12.65
N ALA A 132 -13.18 -14.48 12.37
CA ALA A 132 -12.63 -14.63 11.03
C ALA A 132 -12.29 -16.11 10.77
N PRO A 133 -12.69 -16.62 9.59
N PRO A 133 -12.66 -16.65 9.60
CA PRO A 133 -12.55 -18.03 9.25
CA PRO A 133 -12.31 -18.06 9.38
C PRO A 133 -11.08 -18.43 9.10
C PRO A 133 -10.82 -18.24 9.05
N ALA A 134 -10.81 -19.71 9.32
N ALA A 134 -10.14 -19.14 9.76
CA ALA A 134 -9.46 -20.23 9.19
CA ALA A 134 -8.74 -19.41 9.51
C ALA A 134 -9.28 -20.78 7.79
C ALA A 134 -8.56 -20.36 8.32
N VAL A 135 -8.23 -20.33 7.11
N VAL A 135 -7.87 -19.89 7.26
CA VAL A 135 -7.84 -20.88 5.81
CA VAL A 135 -7.67 -20.69 6.05
C VAL A 135 -6.32 -21.01 5.69
C VAL A 135 -6.20 -20.97 5.81
N PRO A 136 -5.82 -22.25 5.65
CA PRO A 136 -4.39 -22.48 5.47
C PRO A 136 -4.00 -22.19 4.03
N GLY A 137 -2.70 -22.13 3.78
CA GLY A 137 -2.22 -21.85 2.44
C GLY A 137 -0.72 -22.00 2.37
N ARG A 138 -0.13 -21.30 1.41
CA ARG A 138 1.31 -21.32 1.21
C ARG A 138 1.80 -19.95 0.76
N ILE A 139 2.99 -19.58 1.26
CA ILE A 139 3.77 -18.48 0.70
C ILE A 139 4.88 -19.13 -0.07
N GLY A 140 4.85 -18.99 -1.40
CA GLY A 140 5.75 -19.76 -2.23
C GLY A 140 5.49 -21.23 -1.96
N GLU A 141 6.52 -21.95 -1.53
CA GLU A 141 6.41 -23.38 -1.25
C GLU A 141 6.12 -23.68 0.23
N ALA A 142 6.14 -22.66 1.07
CA ALA A 142 6.08 -22.84 2.53
C ALA A 142 4.65 -22.79 3.06
N PRO A 143 4.17 -23.88 3.71
CA PRO A 143 2.80 -23.83 4.19
C PRO A 143 2.60 -22.88 5.37
N PHE A 144 1.37 -22.39 5.52
CA PHE A 144 0.96 -21.68 6.73
C PHE A 144 -0.42 -22.18 7.16
N ALA A 145 -0.68 -22.11 8.45
CA ALA A 145 -2.01 -22.39 9.02
C ALA A 145 -2.86 -21.12 9.00
N TRP A 146 -2.20 -19.97 9.16
CA TRP A 146 -2.87 -18.68 9.11
C TRP A 146 -1.88 -17.62 8.65
N LEU A 147 -2.44 -16.52 8.16
N LEU A 147 -2.42 -16.52 8.13
CA LEU A 147 -1.68 -15.37 7.66
CA LEU A 147 -1.62 -15.38 7.71
C LEU A 147 -2.38 -14.09 8.10
C LEU A 147 -2.35 -14.08 8.04
N ALA A 148 -1.62 -13.09 8.55
CA ALA A 148 -2.19 -11.80 8.89
C ALA A 148 -1.17 -10.72 8.59
N ASP A 149 -1.64 -9.50 8.39
CA ASP A 149 -0.74 -8.36 8.38
C ASP A 149 -0.17 -8.20 9.78
N ALA A 150 1.06 -7.71 9.89
CA ALA A 150 1.64 -7.32 11.14
C ALA A 150 0.87 -6.18 11.80
N ASP A 151 0.15 -5.39 11.00
CA ASP A 151 -0.71 -4.31 11.52
C ASP A 151 -1.97 -4.94 12.10
N THR A 152 -2.11 -4.83 13.41
CA THR A 152 -3.23 -5.44 14.13
C THR A 152 -4.56 -4.74 13.84
N ARG A 153 -4.54 -3.58 13.18
CA ARG A 153 -5.79 -2.96 12.76
C ARG A 153 -6.39 -3.67 11.55
N LEU A 154 -5.60 -4.42 10.80
N LEU A 154 -5.58 -4.48 10.90
CA LEU A 154 -6.08 -5.23 9.67
CA LEU A 154 -5.95 -5.10 9.65
C LEU A 154 -6.22 -6.71 9.97
C LEU A 154 -6.09 -6.62 9.81
N GLY A 155 -5.19 -7.27 10.55
CA GLY A 155 -5.20 -8.72 10.72
C GLY A 155 -5.24 -9.39 9.36
N PRO A 156 -6.16 -10.35 9.18
CA PRO A 156 -6.17 -11.16 7.94
C PRO A 156 -6.94 -10.48 6.81
N VAL A 157 -6.53 -9.27 6.48
CA VAL A 157 -7.16 -8.38 5.49
C VAL A 157 -6.07 -7.70 4.69
N LEU A 158 -6.32 -7.53 3.41
N LEU A 158 -6.31 -7.59 3.40
CA LEU A 158 -5.42 -6.89 2.45
CA LEU A 158 -5.48 -6.81 2.47
C LEU A 158 -6.05 -5.62 1.90
C LEU A 158 -6.16 -5.53 2.07
N GLU A 159 -5.40 -4.46 2.08
CA GLU A 159 -5.83 -3.22 1.44
C GLU A 159 -5.53 -3.31 -0.06
N VAL A 160 -6.51 -2.97 -0.90
CA VAL A 160 -6.34 -3.05 -2.33
C VAL A 160 -6.94 -1.83 -3.00
N ILE A 161 -6.48 -1.58 -4.22
CA ILE A 161 -7.13 -0.65 -5.14
C ILE A 161 -7.39 -1.43 -6.40
N VAL A 162 -8.66 -1.51 -6.78
CA VAL A 162 -9.09 -2.29 -7.93
C VAL A 162 -9.94 -1.38 -8.78
N ASN A 163 -9.54 -1.16 -10.03
N ASN A 163 -9.54 -1.21 -10.03
CA ASN A 163 -10.31 -0.34 -10.94
CA ASN A 163 -10.18 -0.30 -10.97
C ASN A 163 -10.57 1.06 -10.36
C ASN A 163 -10.57 1.00 -10.30
N GLY A 164 -9.57 1.62 -9.71
CA GLY A 164 -9.67 2.95 -9.16
C GLY A 164 -10.52 3.07 -7.91
N ARG A 165 -10.80 1.96 -7.23
CA ARG A 165 -11.60 1.98 -6.01
C ARG A 165 -10.86 1.27 -4.91
N TYR A 166 -10.76 1.90 -3.76
CA TYR A 166 -10.14 1.31 -2.59
C TYR A 166 -11.07 0.31 -1.96
N ALA A 167 -10.52 -0.77 -1.41
CA ALA A 167 -11.30 -1.74 -0.68
C ALA A 167 -10.44 -2.48 0.31
N TRP A 168 -11.12 -3.08 1.30
CA TRP A 168 -10.53 -4.10 2.17
C TRP A 168 -10.95 -5.46 1.64
N LEU A 169 -9.94 -6.29 1.38
CA LEU A 169 -10.14 -7.63 0.84
C LEU A 169 -9.82 -8.64 1.96
N PRO A 170 -10.84 -9.29 2.54
CA PRO A 170 -10.55 -10.37 3.48
C PRO A 170 -9.63 -11.40 2.83
N MET A 171 -8.55 -11.78 3.49
CA MET A 171 -7.65 -12.77 2.90
C MET A 171 -8.37 -14.06 2.62
N SER A 172 -9.35 -14.40 3.43
CA SER A 172 -10.12 -15.62 3.20
C SER A 172 -10.94 -15.59 1.91
N ASN A 173 -11.10 -14.42 1.29
CA ASN A 173 -11.74 -14.33 -0.01
C ASN A 173 -10.80 -14.59 -1.18
N LEU A 174 -9.51 -14.76 -0.91
CA LEU A 174 -8.54 -15.00 -1.98
C LEU A 174 -8.31 -16.46 -2.27
N ARG A 175 -8.14 -16.75 -3.55
CA ARG A 175 -7.48 -17.98 -3.97
C ARG A 175 -5.98 -17.77 -4.08
N SER A 176 -5.57 -16.71 -4.77
CA SER A 176 -4.15 -16.44 -4.99
C SER A 176 -3.87 -14.97 -5.19
N LEU A 177 -2.62 -14.62 -4.88
CA LEU A 177 -2.08 -13.29 -5.06
C LEU A 177 -0.69 -13.47 -5.63
N LYS A 178 -0.38 -12.71 -6.68
N LYS A 178 -0.39 -12.74 -6.70
CA LYS A 178 0.92 -12.77 -7.35
CA LYS A 178 0.93 -12.77 -7.32
C LYS A 178 1.49 -11.38 -7.54
C LYS A 178 1.45 -11.35 -7.44
N VAL A 179 2.71 -11.18 -7.05
CA VAL A 179 3.41 -9.89 -7.18
C VAL A 179 4.85 -10.16 -7.61
N GLU A 180 5.48 -9.13 -8.16
CA GLU A 180 6.91 -9.15 -8.44
C GLU A 180 7.59 -8.17 -7.49
N ALA A 181 8.91 -8.20 -7.45
CA ALA A 181 9.65 -7.20 -6.70
C ALA A 181 9.31 -5.81 -7.25
N PRO A 182 9.37 -4.78 -6.41
CA PRO A 182 9.25 -3.42 -6.96
C PRO A 182 10.31 -3.15 -8.02
N SER A 183 9.92 -2.41 -9.05
N SER A 183 9.90 -2.51 -9.12
CA SER A 183 10.78 -2.10 -10.20
CA SER A 183 10.79 -2.27 -10.25
C SER A 183 10.87 -0.59 -10.38
C SER A 183 11.01 -0.80 -10.52
N ASP A 184 9.71 0.03 -10.59
N ASP A 184 10.26 0.05 -9.83
CA ASP A 184 9.63 1.48 -10.69
CA ASP A 184 10.39 1.49 -9.98
C ASP A 184 9.50 2.09 -9.31
C ASP A 184 9.93 2.15 -8.69
N LEU A 185 9.89 3.35 -9.18
N LEU A 185 10.09 3.46 -8.60
CA LEU A 185 9.88 4.01 -7.89
CA LEU A 185 9.77 4.18 -7.38
C LEU A 185 8.48 4.04 -7.23
C LEU A 185 8.31 4.07 -7.04
N ARG A 186 7.43 4.21 -8.02
CA ARG A 186 6.03 4.18 -7.60
C ARG A 186 5.62 2.84 -7.01
N ASP A 187 6.32 1.75 -7.37
CA ASP A 187 6.03 0.44 -6.80
C ASP A 187 6.30 0.36 -5.30
N LEU A 188 7.14 1.26 -4.77
CA LEU A 188 7.39 1.33 -3.33
C LEU A 188 6.17 1.82 -2.58
N VAL A 189 5.30 2.54 -3.28
CA VAL A 189 4.11 3.13 -2.69
C VAL A 189 2.89 2.24 -2.95
N TRP A 190 2.74 1.74 -4.17
CA TRP A 190 1.63 0.89 -4.57
C TRP A 190 2.21 -0.25 -5.39
N LEU A 191 2.15 -1.48 -4.91
CA LEU A 191 2.77 -2.62 -5.58
C LEU A 191 1.74 -3.25 -6.52
N PRO A 192 2.04 -3.38 -7.82
CA PRO A 192 1.08 -4.06 -8.69
C PRO A 192 0.90 -5.53 -8.34
N ALA A 193 -0.31 -6.05 -8.49
CA ALA A 193 -0.59 -7.43 -8.15
C ALA A 193 -1.65 -8.02 -9.08
N GLU A 194 -1.65 -9.34 -9.17
N GLU A 194 -1.62 -9.34 -9.17
CA GLU A 194 -2.75 -10.09 -9.79
CA GLU A 194 -2.70 -10.13 -9.75
C GLU A 194 -3.44 -10.90 -8.71
C GLU A 194 -3.42 -10.84 -8.61
N LEU A 195 -4.73 -10.63 -8.52
CA LEU A 195 -5.55 -11.25 -7.48
C LEU A 195 -6.57 -12.18 -8.13
N THR A 196 -6.75 -13.36 -7.57
CA THR A 196 -7.83 -14.25 -7.96
C THR A 196 -8.66 -14.53 -6.74
N LEU A 197 -9.95 -14.23 -6.81
CA LEU A 197 -10.86 -14.46 -5.70
C LEU A 197 -11.31 -15.91 -5.67
N ALA A 198 -11.46 -16.48 -4.48
CA ALA A 198 -11.94 -17.83 -4.33
C ALA A 198 -13.34 -17.93 -4.92
N ASN A 199 -13.55 -18.96 -5.74
CA ASN A 199 -14.80 -19.20 -6.43
C ASN A 199 -15.19 -18.09 -7.36
N GLY A 200 -14.22 -17.30 -7.80
CA GLY A 200 -14.53 -16.09 -8.53
C GLY A 200 -13.49 -15.76 -9.57
N GLY A 201 -13.42 -14.47 -9.91
CA GLY A 201 -12.63 -13.98 -10.99
C GLY A 201 -11.28 -13.45 -10.59
N ALA A 202 -10.55 -13.02 -11.59
CA ALA A 202 -9.20 -12.50 -11.44
C ALA A 202 -9.15 -11.04 -11.86
N THR A 203 -8.24 -10.28 -11.29
CA THR A 203 -8.07 -8.86 -11.62
C THR A 203 -6.66 -8.39 -11.29
N VAL A 204 -6.18 -7.43 -12.05
CA VAL A 204 -5.04 -6.66 -11.61
C VAL A 204 -5.49 -5.72 -10.50
N ALA A 205 -4.53 -5.34 -9.66
CA ALA A 205 -4.79 -4.47 -8.53
C ALA A 205 -3.51 -3.73 -8.18
N LEU A 206 -3.65 -2.70 -7.36
CA LEU A 206 -2.52 -2.07 -6.69
C LEU A 206 -2.64 -2.33 -5.21
N LEU A 207 -1.55 -2.69 -4.56
CA LEU A 207 -1.51 -2.90 -3.12
C LEU A 207 -0.79 -1.75 -2.46
N PRO A 208 -1.49 -0.92 -1.67
CA PRO A 208 -0.76 0.08 -0.87
C PRO A 208 0.32 -0.61 -0.04
N ALA A 209 1.57 -0.22 -0.27
CA ALA A 209 2.73 -1.03 0.09
C ALA A 209 3.38 -0.58 1.38
N ARG A 210 2.94 0.56 1.90
CA ARG A 210 3.45 1.13 3.14
C ARG A 210 2.27 1.41 4.04
N TYR A 211 2.48 1.36 5.36
CA TYR A 211 1.44 1.71 6.32
C TYR A 211 1.06 3.18 6.14
N ALA A 212 -0.20 3.47 6.34
CA ALA A 212 -0.75 4.81 6.09
C ALA A 212 -0.04 5.92 6.88
N GLU A 213 0.47 5.61 8.06
CA GLU A 213 1.10 6.60 8.92
C GLU A 213 2.55 6.88 8.51
N THR A 214 3.04 6.19 7.49
CA THR A 214 4.46 6.28 7.14
C THR A 214 4.85 7.68 6.68
N VAL A 215 4.03 8.32 5.88
CA VAL A 215 4.40 9.63 5.36
C VAL A 215 4.65 10.63 6.47
N GLU A 216 3.73 10.64 7.41
CA GLU A 216 3.73 11.63 8.48
C GLU A 216 4.68 11.26 9.64
N HIS A 217 4.86 9.97 9.91
CA HIS A 217 5.50 9.54 11.15
C HIS A 217 6.72 8.67 10.98
N GLY A 218 6.98 8.20 9.77
CA GLY A 218 8.19 7.45 9.51
C GLY A 218 9.36 8.37 9.18
N ASP A 219 10.55 7.79 9.05
CA ASP A 219 11.70 8.52 8.53
C ASP A 219 11.83 8.24 7.02
N ASP A 220 12.91 8.72 6.41
CA ASP A 220 13.06 8.59 4.97
C ASP A 220 13.16 7.11 4.59
N ALA A 221 13.87 6.31 5.40
CA ALA A 221 14.02 4.90 5.11
C ALA A 221 12.68 4.19 5.10
N ALA A 222 11.82 4.55 6.04
CA ALA A 222 10.47 4.01 6.07
C ALA A 222 9.64 4.41 4.84
N ARG A 223 9.74 5.67 4.44
CA ARG A 223 9.07 6.11 3.23
C ARG A 223 9.56 5.35 2.01
N LEU A 224 10.82 4.98 1.99
CA LEU A 224 11.38 4.21 0.87
C LEU A 224 11.09 2.72 0.99
N GLY A 225 10.38 2.31 2.03
CA GLY A 225 10.07 0.90 2.21
C GLY A 225 11.29 0.07 2.55
N ARG A 226 12.32 0.68 3.11
CA ARG A 226 13.56 -0.01 3.43
C ARG A 226 13.56 -0.64 4.81
N LYS A 227 12.55 -0.34 5.62
CA LYS A 227 12.44 -0.88 6.97
C LYS A 227 10.97 -0.86 7.37
N THR A 228 10.67 -1.60 8.41
CA THR A 228 9.38 -1.58 9.07
C THR A 228 9.69 -1.29 10.54
N GLU A 229 9.14 -0.20 11.06
CA GLU A 229 9.46 0.26 12.40
C GLU A 229 8.19 0.46 13.21
N TRP A 230 8.23 0.16 14.50
N TRP A 230 8.23 0.12 14.49
CA TRP A 230 7.08 0.29 15.38
CA TRP A 230 7.09 0.36 15.35
C TRP A 230 7.18 1.55 16.24
C TRP A 230 7.25 1.69 16.05
N LEU A 231 6.12 2.36 16.17
CA LEU A 231 6.03 3.64 16.83
C LEU A 231 5.47 3.50 18.23
N ASP A 232 5.40 4.63 18.91
CA ASP A 232 4.85 4.67 20.27
C ASP A 232 3.39 4.18 20.32
N SER A 233 2.72 4.23 19.17
CA SER A 233 1.34 3.72 19.04
C SER A 233 1.23 2.19 19.11
N GLY A 234 2.36 1.50 19.00
CA GLY A 234 2.38 0.07 18.93
C GLY A 234 2.00 -0.43 17.56
N LEU A 235 2.09 0.45 16.56
CA LEU A 235 1.77 0.13 15.17
C LEU A 235 2.96 0.42 14.28
N PRO A 236 3.01 -0.25 13.13
CA PRO A 236 4.16 -0.10 12.25
C PRO A 236 4.04 1.05 11.25
N VAL A 237 5.21 1.54 10.83
CA VAL A 237 5.36 2.35 9.64
C VAL A 237 6.42 1.74 8.75
N GLY A 238 6.42 2.13 7.50
CA GLY A 238 7.33 1.55 6.53
C GLY A 238 6.71 0.45 5.70
N GLN A 239 7.58 -0.45 5.23
CA GLN A 239 7.16 -1.51 4.33
C GLN A 239 6.18 -2.46 5.00
N ARG A 240 5.14 -2.83 4.27
CA ARG A 240 4.19 -3.82 4.77
C ARG A 240 4.88 -5.15 5.08
N LEU A 241 4.43 -5.75 6.17
CA LEU A 241 4.99 -6.98 6.70
C LEU A 241 3.85 -7.95 7.02
N PHE A 242 4.03 -9.23 6.67
CA PHE A 242 3.07 -10.28 6.97
C PHE A 242 3.62 -11.25 8.00
N VAL A 243 2.71 -11.87 8.74
CA VAL A 243 3.04 -12.84 9.78
C VAL A 243 2.20 -14.07 9.58
N THR A 244 2.82 -15.25 9.71
CA THR A 244 2.10 -16.50 9.78
C THR A 244 2.49 -17.20 11.07
N ASP A 245 1.91 -18.35 11.30
CA ASP A 245 2.29 -19.19 12.43
C ASP A 245 3.77 -19.58 12.38
N ALA A 246 4.38 -19.53 11.20
CA ALA A 246 5.76 -19.97 11.02
C ALA A 246 6.77 -18.84 11.07
N GLY A 247 6.37 -17.62 10.73
CA GLY A 247 7.33 -16.54 10.68
C GLY A 247 6.84 -15.38 9.86
N GLU A 248 7.72 -14.45 9.57
CA GLU A 248 7.35 -13.20 8.92
C GLU A 248 7.87 -13.12 7.50
N THR A 249 7.13 -12.44 6.66
CA THR A 249 7.53 -12.20 5.28
C THR A 249 7.21 -10.76 4.92
N ALA A 250 8.22 -10.02 4.49
CA ALA A 250 8.04 -8.66 3.99
C ALA A 250 7.34 -8.69 2.64
N LEU A 251 6.52 -7.69 2.37
CA LEU A 251 5.78 -7.63 1.10
C LEU A 251 6.70 -7.72 -0.11
N PHE A 252 7.85 -7.05 -0.07
CA PHE A 252 8.73 -7.02 -1.24
C PHE A 252 9.55 -8.29 -1.37
N ASP A 253 9.39 -9.24 -0.45
CA ASP A 253 9.95 -10.58 -0.58
C ASP A 253 8.89 -11.60 -1.02
N LEU A 254 7.63 -11.17 -1.07
N LEU A 254 7.62 -11.18 -1.05
CA LEU A 254 6.54 -12.02 -1.50
CA LEU A 254 6.54 -12.04 -1.54
C LEU A 254 6.53 -12.12 -3.04
C LEU A 254 6.59 -12.14 -3.05
N ARG A 255 6.22 -13.31 -3.56
CA ARG A 255 5.99 -13.50 -4.99
C ARG A 255 4.62 -14.12 -5.17
N GLU A 256 4.33 -15.18 -4.43
CA GLU A 256 3.03 -15.82 -4.58
C GLU A 256 2.47 -16.28 -3.26
N LEU A 257 1.19 -16.03 -3.09
N LEU A 257 1.22 -15.87 -3.04
CA LEU A 257 0.46 -16.41 -1.91
CA LEU A 257 0.37 -16.39 -1.98
C LEU A 257 -0.76 -17.19 -2.40
C LEU A 257 -0.67 -17.31 -2.60
N ASP A 258 -0.92 -18.43 -1.94
CA ASP A 258 -2.02 -19.29 -2.34
C ASP A 258 -2.78 -19.70 -1.08
N PHE A 259 -4.10 -19.80 -1.19
CA PHE A 259 -4.91 -20.33 -0.11
C PHE A 259 -5.53 -21.64 -0.52
N GLU A 260 -5.61 -22.58 0.40
CA GLU A 260 -6.22 -23.87 0.15
C GLU A 260 -7.73 -23.74 -0.01
N PRO A 261 -8.31 -24.42 -1.01
CA PRO A 261 -9.78 -24.41 -1.13
C PRO A 261 -10.47 -24.91 0.14
N THR A 262 -11.64 -24.34 0.43
CA THR A 262 -12.42 -24.75 1.60
C THR A 262 -13.70 -25.43 1.15
#